data_3O42
#
_entry.id   3O42
#
_cell.length_a   47.407
_cell.length_b   57.162
_cell.length_c   102.178
_cell.angle_alpha   90.00
_cell.angle_beta   90.00
_cell.angle_gamma   90.00
#
_symmetry.space_group_name_H-M   'P 21 21 21'
#
loop_
_entity.id
_entity.type
_entity.pdbx_description
1 polymer gp41-5
2 polymer 'alpha/beta-peptide based on HIV gp41 CHR domain sequence'
3 non-polymer GLYCEROL
4 non-polymer 'ISOPROPYL ALCOHOL'
5 water water
#
loop_
_entity_poly.entity_id
_entity_poly.type
_entity_poly.pdbx_seq_one_letter_code
_entity_poly.pdbx_strand_id
1 'polypeptide(L)'
;SGIVQQQNNLLRAIEAQQHLLQLTVWGIKQLQARILSGGSGGWMEWDREINNYTSLIHSLIEESQNQQEKNEQELLGGSG
GSGIVQQQNNLLRAIEAQQHLLQLTVWGIKQLQARILSGGSGGWMEWDREINNYTSLIHSLIEESQNQQEKNEQELLGGS
GGSGIVQQQNNLLRAIEAQQHLLQLTVWGIKQLQARIL
;
A
2 'polypeptide(L)'
;(ACE)(B3T)TWE(B3A)WD(HMR)AIA(B3E)YA(B3A)RIE(B3A)LI(HMR)AAQ(B3E)QQ(B3E)KNE(B3A)AL
(HMR)EL(NH2)
;
B
#
loop_
_chem_comp.id
_chem_comp.type
_chem_comp.name
_chem_comp.formula
ACE non-polymer 'ACETYL GROUP' 'C2 H4 O'
GOL non-polymer GLYCEROL 'C3 H8 O3'
IPA non-polymer 'ISOPROPYL ALCOHOL' 'C3 H8 O'
NH2 non-polymer 'AMINO GROUP' 'H2 N'
#
# COMPACT_ATOMS: atom_id res chain seq x y z
N GLY A 2 -19.24 -9.83 7.87
CA GLY A 2 -19.45 -8.41 8.13
C GLY A 2 -18.43 -7.64 7.30
N ILE A 3 -18.94 -6.70 6.52
CA ILE A 3 -18.12 -5.78 5.76
C ILE A 3 -17.33 -4.90 6.71
N VAL A 4 -17.95 -4.55 7.85
CA VAL A 4 -17.31 -3.71 8.88
C VAL A 4 -16.04 -4.35 9.42
N GLN A 5 -16.11 -5.63 9.81
CA GLN A 5 -14.93 -6.40 10.24
C GLN A 5 -13.88 -6.46 9.14
N GLN A 6 -14.34 -6.64 7.89
CA GLN A 6 -13.43 -6.74 6.76
C GLN A 6 -12.64 -5.47 6.63
N GLN A 7 -13.37 -4.36 6.71
CA GLN A 7 -12.78 -3.05 6.58
C GLN A 7 -11.74 -2.86 7.66
N ASN A 8 -11.95 -3.49 8.82
CA ASN A 8 -10.98 -3.39 9.91
C ASN A 8 -9.69 -4.09 9.53
N ASN A 9 -9.81 -5.29 8.95
CA ASN A 9 -8.66 -6.00 8.40
C ASN A 9 -7.98 -5.21 7.27
N LEU A 10 -8.77 -4.54 6.44
CA LEU A 10 -8.21 -3.69 5.38
C LEU A 10 -7.40 -2.54 5.98
N LEU A 11 -7.98 -1.87 6.97
CA LEU A 11 -7.28 -0.84 7.72
C LEU A 11 -6.00 -1.41 8.28
N ARG A 12 -6.13 -2.49 9.05
CA ARG A 12 -5.00 -3.07 9.74
C ARG A 12 -3.90 -3.42 8.76
N ALA A 13 -4.28 -3.97 7.61
CA ALA A 13 -3.31 -4.33 6.58
C ALA A 13 -2.55 -3.09 6.14
N ILE A 14 -3.29 -2.02 5.83
CA ILE A 14 -2.68 -0.76 5.41
C ILE A 14 -1.62 -0.26 6.41
N GLU A 15 -1.92 -0.39 7.72
CA GLU A 15 -0.98 -0.03 8.79
C GLU A 15 0.29 -0.83 8.71
N ALA A 16 0.17 -2.15 8.64
CA ALA A 16 1.35 -3.00 8.53
C ALA A 16 2.22 -2.57 7.32
N GLN A 17 1.58 -2.48 6.15
CA GLN A 17 2.20 -1.95 4.94
C GLN A 17 2.85 -0.60 5.18
N GLN A 18 2.23 0.22 6.00
CA GLN A 18 2.81 1.52 6.31
C GLN A 18 4.10 1.42 7.12
N HIS A 19 4.19 0.46 8.04
CA HIS A 19 5.44 0.19 8.76
C HIS A 19 6.50 -0.41 7.85
N LEU A 20 6.04 -1.35 7.03
CA LEU A 20 6.91 -2.01 6.09
C LEU A 20 7.55 -0.93 5.23
N LEU A 21 6.75 0.04 4.86
CA LEU A 21 7.20 1.09 4.01
C LEU A 21 8.27 1.94 4.69
N GLN A 22 8.02 2.33 5.93
CA GLN A 22 9.00 3.12 6.67
C GLN A 22 10.35 2.38 6.76
N LEU A 23 10.27 1.06 6.91
CA LEU A 23 11.45 0.22 6.94
C LEU A 23 12.24 0.37 5.64
N THR A 24 11.53 0.48 4.53
CA THR A 24 12.24 0.67 3.27
C THR A 24 12.80 2.09 3.15
N VAL A 25 12.09 3.08 3.67
CA VAL A 25 12.63 4.43 3.62
C VAL A 25 13.92 4.47 4.44
N TRP A 26 13.87 3.86 5.64
CA TRP A 26 15.06 3.72 6.46
C TRP A 26 16.15 3.07 5.64
N GLY A 27 15.76 2.06 4.86
CA GLY A 27 16.69 1.29 4.06
C GLY A 27 17.36 2.15 3.02
N ILE A 28 16.54 2.91 2.31
CA ILE A 28 16.98 3.76 1.22
C ILE A 28 17.77 4.91 1.73
N LYS A 29 17.39 5.44 2.89
CA LYS A 29 18.17 6.52 3.48
C LYS A 29 19.64 6.12 3.74
N GLN A 30 19.85 4.92 4.30
CA GLN A 30 21.20 4.38 4.55
C GLN A 30 22.04 4.32 3.28
N LEU A 31 21.50 3.72 2.24
CA LEU A 31 22.19 3.62 0.96
C LEU A 31 22.45 5.00 0.41
N GLN A 32 21.42 5.85 0.42
CA GLN A 32 21.55 7.19 -0.09
C GLN A 32 22.77 7.92 0.52
N ALA A 33 22.93 7.82 1.84
CA ALA A 33 24.10 8.39 2.53
C ALA A 33 25.42 7.95 1.92
N ARG A 34 25.60 6.63 1.76
CA ARG A 34 26.78 6.07 1.13
C ARG A 34 27.00 6.56 -0.32
N ILE A 35 26.02 6.34 -1.17
CA ILE A 35 26.17 6.67 -2.58
C ILE A 35 26.11 8.17 -2.92
N LEU A 36 25.64 9.04 -2.01
CA LEU A 36 25.25 10.37 -2.49
C LEU A 36 25.70 11.61 -1.74
N SER A 37 25.98 12.64 -2.54
CA SER A 37 26.58 13.92 -2.11
C SER A 37 25.53 15.01 -1.87
N GLY A 38 24.52 14.67 -1.07
CA GLY A 38 23.50 15.64 -0.64
C GLY A 38 22.11 15.48 -1.25
N GLY A 39 21.27 16.46 -0.99
CA GLY A 39 19.91 16.55 -1.54
C GLY A 39 19.87 17.07 -2.97
N SER A 40 21.04 17.36 -3.51
CA SER A 40 21.23 17.74 -4.91
C SER A 40 20.68 16.68 -5.87
N GLY A 41 20.13 17.15 -6.99
CA GLY A 41 19.56 16.29 -8.03
C GLY A 41 18.31 15.49 -7.66
N GLY A 42 17.45 16.05 -6.81
CA GLY A 42 16.17 15.41 -6.47
C GLY A 42 15.94 15.02 -5.02
N TRP A 43 17.01 14.92 -4.22
CA TRP A 43 16.94 14.22 -2.94
C TRP A 43 16.38 14.96 -1.73
N MET A 44 16.56 16.27 -1.66
CA MET A 44 15.96 16.95 -0.51
C MET A 44 14.43 17.01 -0.66
N GLU A 45 13.98 17.09 -1.91
CA GLU A 45 12.56 17.08 -2.28
C GLU A 45 11.91 15.73 -1.95
N TRP A 46 12.56 14.64 -2.37
CA TRP A 46 12.21 13.29 -1.94
C TRP A 46 12.10 13.24 -0.43
N ASP A 47 13.15 13.65 0.25
CA ASP A 47 13.18 13.68 1.69
C ASP A 47 11.94 14.38 2.28
N ARG A 48 11.73 15.64 1.86
CA ARG A 48 10.59 16.46 2.25
C ARG A 48 9.24 15.81 1.89
N GLU A 49 9.17 15.14 0.75
CA GLU A 49 7.91 14.59 0.27
C GLU A 49 7.58 13.24 0.85
N ILE A 50 8.60 12.47 1.21
CA ILE A 50 8.41 11.31 2.08
C ILE A 50 7.63 11.75 3.32
N ASN A 51 8.07 12.86 3.92
CA ASN A 51 7.46 13.32 5.17
C ASN A 51 6.04 13.84 5.00
N ASN A 52 5.87 14.79 4.09
CA ASN A 52 4.56 15.34 3.74
C ASN A 52 3.50 14.25 3.41
N TYR A 53 3.93 13.09 2.91
CA TYR A 53 3.04 11.93 2.65
C TYR A 53 2.87 10.97 3.86
N THR A 54 3.95 10.69 4.57
CA THR A 54 3.90 9.90 5.82
C THR A 54 2.91 10.51 6.83
N SER A 55 2.94 11.84 6.89
CA SER A 55 2.16 12.56 7.86
C SER A 55 0.68 12.61 7.45
N LEU A 56 0.46 12.80 6.16
CA LEU A 56 -0.87 12.67 5.60
C LEU A 56 -1.41 11.24 5.80
N ILE A 57 -0.58 10.23 5.58
CA ILE A 57 -1.08 8.89 5.79
C ILE A 57 -1.36 8.54 7.27
N HIS A 58 -0.51 9.05 8.18
CA HIS A 58 -0.71 8.83 9.60
C HIS A 58 -2.08 9.36 9.99
N SER A 59 -2.38 10.53 9.45
CA SER A 59 -3.60 11.25 9.73
C SER A 59 -4.79 10.53 9.08
N LEU A 60 -4.52 9.81 8.00
CA LEU A 60 -5.56 9.08 7.32
C LEU A 60 -5.89 7.79 8.06
N ILE A 61 -4.86 7.12 8.56
CA ILE A 61 -5.07 5.94 9.38
C ILE A 61 -5.83 6.36 10.60
N GLU A 62 -5.56 7.58 11.05
CA GLU A 62 -6.15 8.03 12.28
C GLU A 62 -7.62 8.32 12.10
N GLU A 63 -7.99 8.93 10.97
CA GLU A 63 -9.41 9.14 10.69
C GLU A 63 -10.14 7.82 10.46
N SER A 64 -9.46 6.86 9.84
CA SER A 64 -10.05 5.55 9.56
C SER A 64 -10.31 4.77 10.83
N GLN A 65 -9.36 4.82 11.76
CA GLN A 65 -9.51 4.13 13.04
C GLN A 65 -10.72 4.64 13.81
N ASN A 66 -11.05 5.91 13.62
CA ASN A 66 -12.18 6.52 14.29
C ASN A 66 -13.50 6.21 13.61
N GLN A 67 -13.50 6.21 12.28
CA GLN A 67 -14.68 5.80 11.55
C GLN A 67 -15.00 4.36 11.86
N GLN A 68 -13.94 3.58 12.05
CA GLN A 68 -14.02 2.17 12.40
C GLN A 68 -14.74 1.94 13.73
N GLU A 69 -14.23 2.52 14.81
CA GLU A 69 -14.84 2.42 16.13
C GLU A 69 -16.33 2.79 16.12
N LYS A 70 -16.65 3.76 15.26
CA LYS A 70 -17.96 4.38 15.15
C LYS A 70 -18.89 3.45 14.38
N ASN A 71 -18.32 2.80 13.39
CA ASN A 71 -19.04 1.82 12.62
C ASN A 71 -19.40 0.66 13.50
N GLU A 72 -18.41 0.19 14.27
CA GLU A 72 -18.56 -0.93 15.22
C GLU A 72 -19.62 -0.62 16.27
N GLN A 73 -19.69 0.62 16.72
CA GLN A 73 -20.66 0.98 17.75
C GLN A 73 -22.08 1.01 17.23
N GLU A 74 -22.20 0.92 15.90
CA GLU A 74 -23.51 1.02 15.26
C GLU A 74 -24.00 -0.22 14.51
N LEU A 75 -23.31 -1.33 14.72
CA LEU A 75 -23.67 -2.58 14.08
C LEU A 75 -25.07 -3.10 14.45
N LEU A 76 -25.59 -2.63 15.58
CA LEU A 76 -26.92 -3.01 16.03
C LEU A 76 -28.00 -2.01 15.64
N GLY A 77 -27.58 -0.81 15.22
CA GLY A 77 -28.50 0.19 14.68
C GLY A 77 -28.89 0.01 13.20
N GLY A 78 -28.25 -0.94 12.53
CA GLY A 78 -28.53 -1.35 11.13
C GLY A 78 -29.11 -0.36 10.10
N SER A 79 -28.57 0.85 10.08
CA SER A 79 -28.95 1.89 9.11
C SER A 79 -27.71 2.42 8.40
N GLY A 80 -26.55 2.11 8.99
CA GLY A 80 -25.26 2.74 8.67
C GLY A 80 -24.56 2.36 7.37
N GLY A 81 -25.32 2.41 6.27
CA GLY A 81 -24.77 2.33 4.91
C GLY A 81 -23.76 3.45 4.69
N SER A 82 -24.12 4.67 5.08
CA SER A 82 -23.24 5.84 4.90
C SER A 82 -21.88 5.76 5.62
N GLY A 83 -21.84 5.05 6.75
CA GLY A 83 -20.62 4.95 7.54
C GLY A 83 -19.66 4.01 6.88
N ILE A 84 -20.21 2.92 6.36
CA ILE A 84 -19.43 1.93 5.66
C ILE A 84 -18.86 2.52 4.38
N VAL A 85 -19.70 3.31 3.70
CA VAL A 85 -19.29 3.96 2.45
C VAL A 85 -18.22 5.03 2.73
N GLN A 86 -18.35 5.70 3.87
CA GLN A 86 -17.35 6.65 4.33
C GLN A 86 -16.04 5.93 4.64
N GLN A 87 -16.14 4.77 5.27
CA GLN A 87 -14.97 4.03 5.61
C GLN A 87 -14.32 3.59 4.32
N GLN A 88 -15.11 3.20 3.35
CA GLN A 88 -14.51 2.80 2.10
C GLN A 88 -13.72 4.00 1.53
N ASN A 89 -14.32 5.21 1.59
CA ASN A 89 -13.70 6.42 1.03
C ASN A 89 -12.36 6.69 1.68
N ASN A 90 -12.39 6.52 3.00
CA ASN A 90 -11.21 6.58 3.81
C ASN A 90 -10.14 5.65 3.29
N LEU A 91 -10.43 4.35 3.26
CA LEU A 91 -9.42 3.37 2.86
C LEU A 91 -8.81 3.69 1.48
N LEU A 92 -9.65 4.02 0.51
CA LEU A 92 -9.20 4.52 -0.79
C LEU A 92 -8.17 5.67 -0.72
N ARG A 93 -8.49 6.69 0.06
CA ARG A 93 -7.60 7.82 0.27
C ARG A 93 -6.25 7.40 0.88
N ALA A 94 -6.30 6.47 1.84
CA ALA A 94 -5.11 5.85 2.45
C ALA A 94 -4.27 5.02 1.48
N ILE A 95 -4.94 4.32 0.58
CA ILE A 95 -4.26 3.50 -0.39
C ILE A 95 -3.50 4.37 -1.38
N GLU A 96 -4.09 5.51 -1.75
CA GLU A 96 -3.44 6.32 -2.78
C GLU A 96 -2.20 6.95 -2.22
N ALA A 97 -2.28 7.40 -0.96
CA ALA A 97 -1.18 8.12 -0.35
C ALA A 97 -0.03 7.14 -0.19
N GLN A 98 -0.39 5.91 0.14
CA GLN A 98 0.56 4.85 0.24
C GLN A 98 1.24 4.65 -1.10
N GLN A 99 0.45 4.79 -2.16
CA GLN A 99 0.94 4.66 -3.51
C GLN A 99 1.98 5.74 -3.84
N HIS A 100 1.63 7.00 -3.59
CA HIS A 100 2.59 8.09 -3.72
C HIS A 100 3.90 7.72 -3.03
N LEU A 101 3.79 7.16 -1.82
CA LEU A 101 4.97 6.74 -1.07
C LEU A 101 5.76 5.59 -1.72
N LEU A 102 5.05 4.60 -2.23
CA LEU A 102 5.73 3.57 -2.98
C LEU A 102 6.46 4.23 -4.11
N GLN A 103 5.76 5.12 -4.80
CA GLN A 103 6.31 5.71 -5.99
C GLN A 103 7.62 6.46 -5.75
N LEU A 104 7.68 7.17 -4.62
CA LEU A 104 8.91 7.82 -4.17
C LEU A 104 10.04 6.83 -3.87
N THR A 105 9.73 5.76 -3.13
CA THR A 105 10.78 4.77 -2.82
C THR A 105 11.32 4.12 -4.10
N VAL A 106 10.40 3.76 -4.99
CA VAL A 106 10.74 3.16 -6.27
C VAL A 106 11.71 4.11 -7.00
N TRP A 107 11.35 5.38 -7.06
CA TRP A 107 12.21 6.38 -7.64
C TRP A 107 13.54 6.44 -6.94
N GLY A 108 13.49 6.38 -5.62
CA GLY A 108 14.70 6.39 -4.81
C GLY A 108 15.64 5.31 -5.33
N ILE A 109 15.16 4.08 -5.30
CA ILE A 109 15.97 2.92 -5.66
C ILE A 109 16.47 3.04 -7.08
N LYS A 110 15.58 3.46 -7.97
CA LYS A 110 15.94 3.65 -9.36
C LYS A 110 17.15 4.58 -9.49
N GLN A 111 17.12 5.70 -8.76
CA GLN A 111 18.26 6.61 -8.72
C GLN A 111 19.56 5.94 -8.27
N LEU A 112 19.44 5.14 -7.21
CA LEU A 112 20.61 4.60 -6.54
C LEU A 112 21.24 3.50 -7.37
N GLN A 113 20.40 2.58 -7.83
CA GLN A 113 20.79 1.50 -8.72
C GLN A 113 21.50 2.01 -9.99
N ALA A 114 21.01 3.11 -10.56
CA ALA A 114 21.54 3.69 -11.82
C ALA A 114 23.02 4.09 -11.73
N ARG A 115 23.50 4.29 -10.51
CA ARG A 115 24.81 4.82 -10.26
C ARG A 115 25.84 3.72 -10.00
N ILE A 116 25.36 2.57 -9.55
CA ILE A 116 26.24 1.51 -9.05
C ILE A 116 26.08 0.11 -9.62
N LEU A 117 24.95 -0.16 -10.26
CA LEU A 117 24.74 -1.43 -10.96
C LEU A 117 24.31 -1.23 -12.40
N SER A 118 24.57 -2.25 -13.23
CA SER A 118 23.95 -2.35 -14.54
C SER A 118 22.48 -2.83 -14.44
N GLY A 119 21.57 -2.02 -14.98
CA GLY A 119 20.15 -2.32 -14.95
C GLY A 119 19.74 -3.50 -15.83
N GLY A 120 20.71 -4.08 -16.54
N GLY A 120 20.70 -4.03 -16.59
CA GLY A 120 20.49 -5.27 -17.36
CA GLY A 120 20.46 -5.04 -17.62
C GLY A 120 21.05 -6.55 -16.72
C GLY A 120 20.59 -6.48 -17.17
N SER A 121 21.41 -6.48 -15.44
N SER A 121 20.57 -6.68 -15.85
CA SER A 121 22.08 -7.60 -14.77
CA SER A 121 20.55 -8.02 -15.25
C SER A 121 21.32 -8.07 -13.52
C SER A 121 19.20 -8.68 -15.53
N GLY A 122 21.67 -9.26 -13.05
N GLY A 122 19.23 -9.92 -16.03
CA GLY A 122 21.17 -9.79 -11.77
CA GLY A 122 17.98 -10.66 -16.18
C GLY A 122 19.73 -9.61 -11.37
C GLY A 122 17.09 -10.28 -15.02
N GLY A 123 18.82 -9.61 -12.34
N GLY A 123 17.73 -10.02 -13.88
CA GLY A 123 17.38 -9.56 -12.06
CA GLY A 123 17.06 -9.64 -12.63
C GLY A 123 16.69 -8.20 -12.18
C GLY A 123 16.54 -8.21 -12.51
N TRP A 124 17.42 -7.21 -12.71
CA TRP A 124 16.96 -5.80 -12.73
C TRP A 124 16.06 -5.44 -13.89
N MET A 125 16.12 -6.22 -14.97
CA MET A 125 15.25 -6.06 -16.14
C MET A 125 13.84 -6.54 -15.83
N GLU A 126 13.77 -7.72 -15.23
CA GLU A 126 12.54 -8.24 -14.71
C GLU A 126 11.97 -7.25 -13.68
N TRP A 127 12.82 -6.81 -12.76
CA TRP A 127 12.41 -5.85 -11.75
C TRP A 127 11.73 -4.63 -12.36
N ASP A 128 12.35 -3.99 -13.35
CA ASP A 128 11.73 -2.85 -14.04
C ASP A 128 10.33 -3.15 -14.53
N ARG A 129 10.20 -4.25 -15.27
CA ARG A 129 8.92 -4.65 -15.87
C ARG A 129 7.90 -4.88 -14.79
N GLU A 130 8.28 -5.67 -13.79
CA GLU A 130 7.43 -5.99 -12.65
C GLU A 130 6.95 -4.74 -11.95
N ILE A 131 7.88 -3.91 -11.48
CA ILE A 131 7.56 -2.59 -11.02
C ILE A 131 6.52 -1.93 -11.94
N ASN A 132 6.88 -1.80 -13.22
CA ASN A 132 6.07 -1.03 -14.13
C ASN A 132 4.64 -1.58 -14.31
N ASN A 133 4.51 -2.91 -14.32
CA ASN A 133 3.20 -3.57 -14.41
C ASN A 133 2.35 -3.30 -13.20
N TYR A 134 2.85 -3.71 -12.04
CA TYR A 134 2.17 -3.46 -10.79
C TYR A 134 1.76 -2.00 -10.61
N THR A 135 2.60 -1.08 -11.06
CA THR A 135 2.22 0.32 -11.02
C THR A 135 0.93 0.59 -11.81
N SER A 136 0.93 0.21 -13.09
CA SER A 136 -0.22 0.31 -13.97
C SER A 136 -1.44 -0.46 -13.47
N LEU A 137 -1.20 -1.61 -12.81
CA LEU A 137 -2.28 -2.40 -12.27
C LEU A 137 -2.99 -1.66 -11.15
N ILE A 138 -2.21 -1.06 -10.24
CA ILE A 138 -2.73 -0.38 -9.05
C ILE A 138 -3.42 0.92 -9.41
N HIS A 139 -2.80 1.67 -10.31
CA HIS A 139 -3.42 2.85 -10.89
C HIS A 139 -4.80 2.56 -11.42
N SER A 140 -4.93 1.47 -12.17
CA SER A 140 -6.22 0.99 -12.68
C SER A 140 -7.22 0.64 -11.57
N LEU A 141 -6.78 -0.14 -10.57
CA LEU A 141 -7.61 -0.45 -9.39
C LEU A 141 -8.03 0.81 -8.57
N ILE A 142 -7.12 1.78 -8.44
CA ILE A 142 -7.46 3.07 -7.80
C ILE A 142 -8.52 3.84 -8.62
N GLU A 143 -8.26 3.97 -9.91
CA GLU A 143 -9.19 4.61 -10.82
C GLU A 143 -10.59 4.00 -10.66
N GLU A 144 -10.65 2.67 -10.64
CA GLU A 144 -11.89 1.91 -10.56
C GLU A 144 -12.53 2.10 -9.20
N SER A 145 -11.70 2.13 -8.18
CA SER A 145 -12.18 2.44 -6.84
C SER A 145 -12.77 3.84 -6.74
N GLN A 146 -12.07 4.85 -7.23
CA GLN A 146 -12.65 6.22 -7.29
C GLN A 146 -14.01 6.20 -7.99
N ASN A 147 -14.06 5.63 -9.19
CA ASN A 147 -15.31 5.37 -9.92
C ASN A 147 -16.43 4.66 -9.11
N GLN A 148 -16.05 3.62 -8.37
CA GLN A 148 -17.00 2.87 -7.54
C GLN A 148 -17.52 3.65 -6.34
N GLN A 149 -16.60 4.31 -5.63
CA GLN A 149 -16.98 5.21 -4.56
C GLN A 149 -18.11 6.15 -5.03
N GLU A 150 -17.79 7.00 -6.02
CA GLU A 150 -18.72 7.99 -6.54
C GLU A 150 -20.11 7.39 -6.72
N LYS A 151 -20.14 6.22 -7.34
CA LYS A 151 -21.37 5.50 -7.65
C LYS A 151 -22.09 5.12 -6.36
N ASN A 152 -21.41 4.35 -5.52
CA ASN A 152 -21.99 3.94 -4.24
C ASN A 152 -22.65 5.11 -3.55
N GLU A 153 -21.91 6.22 -3.48
CA GLU A 153 -22.37 7.42 -2.80
C GLU A 153 -23.72 7.93 -3.31
N GLN A 154 -24.05 7.60 -4.55
CA GLN A 154 -25.37 7.93 -5.05
C GLN A 154 -26.37 6.80 -4.88
N GLU A 155 -25.91 5.56 -5.03
CA GLU A 155 -26.77 4.39 -4.85
C GLU A 155 -27.37 4.42 -3.45
N LEU A 156 -26.65 5.06 -2.54
CA LEU A 156 -27.00 5.06 -1.12
C LEU A 156 -28.18 5.94 -0.77
N LEU A 157 -28.41 6.95 -1.62
CA LEU A 157 -29.62 7.79 -1.55
C LEU A 157 -30.86 6.88 -1.63
N GLY A 158 -31.13 6.36 -2.82
CA GLY A 158 -32.29 5.49 -3.06
C GLY A 158 -32.21 4.13 -2.39
N GLY A 159 -32.97 3.18 -2.95
CA GLY A 159 -32.97 1.77 -2.51
C GLY A 159 -31.56 1.20 -2.54
N SER A 160 -31.43 -0.06 -2.10
CA SER A 160 -30.10 -0.67 -1.87
C SER A 160 -29.12 -0.53 -3.05
N GLY A 161 -27.84 -0.37 -2.69
CA GLY A 161 -26.72 -0.50 -3.61
C GLY A 161 -25.67 -1.29 -2.84
N GLY A 162 -26.12 -2.43 -2.30
CA GLY A 162 -25.31 -3.31 -1.42
C GLY A 162 -24.24 -4.09 -2.17
N SER A 163 -24.57 -4.46 -3.40
CA SER A 163 -23.65 -5.10 -4.33
C SER A 163 -22.40 -4.24 -4.60
N GLY A 164 -22.60 -2.92 -4.73
CA GLY A 164 -21.53 -1.98 -5.04
C GLY A 164 -20.57 -1.73 -3.88
N ILE A 165 -21.07 -1.86 -2.66
CA ILE A 165 -20.23 -1.85 -1.47
C ILE A 165 -19.36 -3.10 -1.51
N VAL A 166 -20.01 -4.25 -1.70
CA VAL A 166 -19.31 -5.55 -1.79
C VAL A 166 -18.25 -5.53 -2.88
N GLN A 167 -18.65 -5.07 -4.07
CA GLN A 167 -17.73 -4.86 -5.15
C GLN A 167 -16.53 -4.01 -4.75
N GLN A 168 -16.82 -2.84 -4.18
CA GLN A 168 -15.79 -1.92 -3.79
C GLN A 168 -14.81 -2.59 -2.84
N GLN A 169 -15.30 -3.38 -1.89
CA GLN A 169 -14.42 -4.06 -0.91
C GLN A 169 -13.38 -4.84 -1.67
N ASN A 170 -13.85 -5.53 -2.70
CA ASN A 170 -13.01 -6.29 -3.58
C ASN A 170 -11.95 -5.39 -4.23
N ASN A 171 -12.40 -4.24 -4.75
CA ASN A 171 -11.51 -3.26 -5.35
C ASN A 171 -10.36 -2.89 -4.43
N LEU A 172 -10.72 -2.35 -3.26
CA LEU A 172 -9.72 -2.01 -2.25
C LEU A 172 -8.84 -3.24 -1.89
N LEU A 173 -9.46 -4.39 -1.71
CA LEU A 173 -8.71 -5.58 -1.35
C LEU A 173 -7.61 -5.90 -2.39
N ARG A 174 -7.95 -5.79 -3.67
CA ARG A 174 -6.99 -6.10 -4.72
C ARG A 174 -5.88 -5.04 -4.87
N ALA A 175 -6.19 -3.76 -4.58
CA ALA A 175 -5.16 -2.71 -4.65
C ALA A 175 -4.11 -2.91 -3.55
N ILE A 176 -4.58 -3.28 -2.36
CA ILE A 176 -3.66 -3.65 -1.31
C ILE A 176 -2.76 -4.87 -1.64
N GLU A 177 -3.32 -5.95 -2.21
CA GLU A 177 -2.46 -7.07 -2.62
C GLU A 177 -1.39 -6.58 -3.58
N ALA A 178 -1.78 -5.65 -4.46
CA ALA A 178 -0.88 -5.18 -5.50
C ALA A 178 0.20 -4.26 -4.92
N GLN A 179 -0.17 -3.36 -4.02
CA GLN A 179 0.86 -2.63 -3.28
C GLN A 179 1.81 -3.61 -2.55
N GLN A 180 1.26 -4.68 -1.99
CA GLN A 180 2.08 -5.67 -1.30
C GLN A 180 3.16 -6.30 -2.21
N HIS A 181 2.82 -6.57 -3.48
CA HIS A 181 3.81 -7.04 -4.44
C HIS A 181 4.83 -5.96 -4.61
N LEU A 182 4.33 -4.76 -4.87
CA LEU A 182 5.16 -3.58 -5.09
C LEU A 182 6.18 -3.47 -3.97
N LEU A 183 5.66 -3.59 -2.75
CA LEU A 183 6.51 -3.59 -1.60
C LEU A 183 7.59 -4.70 -1.72
N GLN A 184 7.19 -5.94 -1.99
CA GLN A 184 8.16 -7.01 -2.10
C GLN A 184 9.27 -6.66 -3.08
N LEU A 185 8.89 -6.05 -4.21
CA LEU A 185 9.85 -5.67 -5.25
C LEU A 185 10.80 -4.57 -4.76
N THR A 186 10.30 -3.64 -3.94
CA THR A 186 11.22 -2.63 -3.43
C THR A 186 12.16 -3.18 -2.37
N VAL A 187 11.69 -4.18 -1.64
CA VAL A 187 12.55 -4.92 -0.69
C VAL A 187 13.66 -5.64 -1.47
N TRP A 188 13.28 -6.38 -2.51
CA TRP A 188 14.27 -7.01 -3.38
C TRP A 188 15.38 -6.03 -3.83
N GLY A 189 14.98 -4.84 -4.32
CA GLY A 189 15.89 -3.85 -4.89
C GLY A 189 16.90 -3.34 -3.89
N ILE A 190 16.39 -2.78 -2.82
CA ILE A 190 17.20 -2.45 -1.65
C ILE A 190 18.15 -3.58 -1.19
N LYS A 191 17.63 -4.81 -1.12
CA LYS A 191 18.45 -5.97 -0.75
C LYS A 191 19.65 -6.16 -1.71
N GLN A 192 19.42 -5.91 -3.00
CA GLN A 192 20.48 -5.95 -4.00
C GLN A 192 21.47 -4.81 -3.81
N LEU A 193 20.96 -3.63 -3.47
CA LEU A 193 21.84 -2.50 -3.39
C LEU A 193 22.69 -2.59 -2.12
N GLN A 194 22.06 -2.96 -1.02
CA GLN A 194 22.74 -3.22 0.24
C GLN A 194 23.84 -4.27 0.05
N ALA A 195 23.53 -5.36 -0.63
CA ALA A 195 24.54 -6.39 -0.95
C ALA A 195 25.75 -5.83 -1.69
N ARG A 196 25.52 -4.97 -2.68
CA ARG A 196 26.58 -4.49 -3.53
C ARG A 196 27.44 -3.48 -2.82
N ILE A 197 26.83 -2.55 -2.11
CA ILE A 197 27.62 -1.41 -1.64
C ILE A 197 27.92 -1.36 -0.14
N LEU A 198 27.25 -2.19 0.65
CA LEU A 198 27.44 -2.24 2.12
C LEU A 198 28.03 -3.58 2.63
CG B3T B 2 24.68 -8.76 11.91
OD1 B3T B 2 24.53 -9.06 13.30
CD2 B3T B 2 26.02 -8.03 11.68
CA B3T B 2 23.44 -7.94 11.54
N B3T B 2 23.47 -7.26 10.22
CB B3T B 2 23.17 -6.98 12.71
C B3T B 2 21.86 -6.30 12.45
O B3T B 2 20.79 -6.92 12.40
N THR B 3 21.94 -4.98 12.31
CA THR B 3 20.79 -4.14 12.06
C THR B 3 20.10 -4.55 10.76
N TRP B 4 20.87 -4.94 9.74
CA TRP B 4 20.26 -5.33 8.46
C TRP B 4 19.61 -6.72 8.44
N GLU B 5 20.09 -7.62 9.29
CA GLU B 5 19.51 -8.97 9.39
C GLU B 5 18.28 -9.03 10.31
CG B3A B 6 17.64 -9.00 13.71
CA B3A B 6 17.24 -8.32 12.39
N B3A B 6 18.35 -8.34 11.45
CB B3A B 6 16.81 -6.87 12.63
C B3A B 6 15.86 -6.43 11.54
O B3A B 6 14.68 -6.72 11.61
N TRP B 7 16.39 -5.72 10.54
CA TRP B 7 15.64 -5.19 9.39
C TRP B 7 15.06 -6.28 8.48
N ASP B 8 15.91 -7.21 8.04
CA ASP B 8 15.49 -8.24 7.09
C ASP B 8 14.41 -9.15 7.71
N HMR B 9 14.80 -9.90 8.77
CB HMR B 9 13.89 -10.81 9.45
CC HMR B 9 14.58 -12.16 9.69
CG HMR B 9 13.78 -13.36 9.16
CD HMR B 9 14.42 -14.06 7.96
NE HMR B 9 13.40 -14.88 7.30
CZ HMR B 9 13.02 -14.80 6.00
NH1 HMR B 9 13.54 -13.95 5.10
NH2 HMR B 9 12.07 -15.63 5.58
C HMR B 9 12.17 -9.42 10.64
O HMR B 9 11.17 -10.03 10.36
CA HMR B 9 13.51 -10.13 10.76
N ALA B 10 12.18 -8.10 10.87
CA ALA B 10 10.97 -7.26 10.79
C ALA B 10 10.18 -7.24 9.49
N ILE B 11 10.85 -7.11 8.35
CA ILE B 11 10.14 -7.06 7.07
C ILE B 11 9.48 -8.40 6.80
N ALA B 12 10.27 -9.48 6.83
CA ALA B 12 9.81 -10.83 6.44
C ALA B 12 8.75 -11.35 7.39
N B3E B 13 8.86 -10.96 8.65
CA B3E B 13 7.95 -11.36 9.70
CG B3E B 13 8.73 -12.41 10.48
CD B3E B 13 7.84 -13.28 11.35
CE B3E B 13 8.55 -13.56 12.67
OF2 B3E B 13 9.37 -12.72 13.11
OF1 B3E B 13 8.29 -14.63 13.30
CB B3E B 13 7.55 -10.16 10.56
C B3E B 13 6.30 -9.57 9.95
O B3E B 13 5.25 -10.18 10.00
N TYR B 14 6.41 -8.36 9.40
CA TYR B 14 5.26 -7.67 8.78
C TYR B 14 4.70 -8.35 7.54
N ALA B 15 5.57 -8.81 6.64
CA ALA B 15 5.15 -9.44 5.38
C ALA B 15 4.34 -10.72 5.58
CG B3A B 16 5.11 -13.93 6.65
CA B3A B 16 4.11 -12.80 6.83
N B3A B 16 4.78 -11.55 6.53
CB B3A B 16 3.70 -12.80 8.27
C B3A B 16 2.31 -12.27 8.47
O B3A B 16 1.33 -12.92 8.13
N ARG B 17 2.26 -11.06 9.06
CA ARG B 17 1.02 -10.34 9.36
C ARG B 17 0.16 -10.13 8.15
N ILE B 18 0.77 -9.53 7.13
CA ILE B 18 0.02 -9.01 6.01
C ILE B 18 -0.63 -10.10 5.15
N GLU B 19 0.14 -11.13 4.80
CA GLU B 19 -0.39 -12.21 3.96
C GLU B 19 -1.54 -12.91 4.68
CG B3A B 20 -1.56 -15.53 7.16
CA B3A B 20 -2.22 -14.25 6.62
N B3A B 20 -1.23 -13.53 5.83
CB B3A B 20 -2.80 -13.41 7.76
C B3A B 20 -4.01 -12.59 7.35
O B3A B 20 -5.07 -13.10 7.08
N LEU B 21 -3.82 -11.28 7.32
CA LEU B 21 -4.85 -10.29 6.95
C LEU B 21 -5.44 -10.33 5.52
N ILE B 22 -4.60 -10.46 4.48
CA ILE B 22 -5.12 -10.51 3.09
C ILE B 22 -5.78 -11.84 2.79
N HMR B 23 -5.04 -12.92 3.10
CB HMR B 23 -5.48 -14.28 2.91
CC HMR B 23 -4.30 -15.10 2.38
C HMR B 23 -7.26 -14.41 4.60
O HMR B 23 -8.16 -14.73 3.85
CA HMR B 23 -5.84 -14.76 4.28
N ALA B 24 -7.44 -13.75 5.72
CA ALA B 24 -8.76 -13.32 6.18
C ALA B 24 -9.63 -12.54 5.20
N ALA B 25 -9.08 -11.48 4.63
CA ALA B 25 -9.85 -10.58 3.77
C ALA B 25 -10.45 -11.28 2.55
N GLN B 26 -9.66 -12.10 1.85
CA GLN B 26 -10.13 -12.94 0.72
C GLN B 26 -11.09 -14.02 1.18
N B3E B 27 -10.62 -14.87 2.08
CA B3E B 27 -11.42 -15.96 2.61
CG B3E B 27 -10.47 -17.12 2.90
CD B3E B 27 -9.70 -17.43 1.63
CE B3E B 27 -8.29 -17.97 1.90
OF2 B3E B 27 -8.16 -19.05 2.54
OF1 B3E B 27 -7.32 -17.33 1.45
CB B3E B 27 -12.13 -15.63 3.92
C B3E B 27 -13.41 -14.86 3.79
O B3E B 27 -14.43 -15.40 3.39
N GLN B 28 -13.36 -13.59 4.13
CA GLN B 28 -14.51 -12.71 4.07
C GLN B 28 -15.02 -12.39 2.66
N GLN B 29 -14.14 -11.95 1.75
CA GLN B 29 -14.59 -11.65 0.38
C GLN B 29 -15.35 -12.81 -0.28
N B3E B 30 -14.66 -13.94 -0.46
CA B3E B 30 -15.25 -15.12 -1.07
CG B3E B 30 -14.17 -15.98 -1.77
CD B3E B 30 -13.04 -15.30 -2.59
CE B3E B 30 -11.95 -16.29 -3.12
OF2 B3E B 30 -12.21 -17.51 -3.36
OF1 B3E B 30 -10.79 -15.86 -3.30
CB B3E B 30 -15.82 -15.95 0.06
C B3E B 30 -17.24 -15.63 0.51
O B3E B 30 -18.18 -15.80 -0.26
N LYS B 31 -17.38 -15.17 1.76
CA LYS B 31 -18.69 -14.81 2.35
C LYS B 31 -19.47 -13.73 1.61
N ASN B 32 -18.78 -12.68 1.15
CA ASN B 32 -19.45 -11.58 0.45
C ASN B 32 -20.07 -11.96 -0.90
N GLU B 33 -19.35 -12.73 -1.69
CA GLU B 33 -19.87 -13.18 -2.98
C GLU B 33 -20.95 -14.28 -2.86
CG B3A B 34 -21.56 -16.96 -0.92
CA B3A B 34 -22.27 -15.65 -1.31
N B3A B 34 -21.27 -14.65 -1.61
CB B3A B 34 -23.12 -15.09 -0.17
C B3A B 34 -24.19 -14.10 -0.63
O B3A B 34 -25.32 -14.50 -0.85
N ALA B 35 -23.82 -12.83 -0.79
CA ALA B 35 -24.77 -11.80 -1.24
C ALA B 35 -24.90 -11.71 -2.76
N LEU B 36 -23.79 -11.44 -3.44
CA LEU B 36 -23.73 -11.44 -4.90
C LEU B 36 -24.10 -12.80 -5.55
C1 GOL C . 7.02 9.73 -8.15
O1 GOL C . 8.33 10.13 -8.54
C2 GOL C . 6.27 10.80 -7.33
O2 GOL C . 6.61 12.12 -7.73
C3 GOL C . 4.75 10.58 -7.40
O3 GOL C . 4.15 10.71 -6.13
C1 IPA D . 13.90 -10.68 -10.10
C2 IPA D . 13.07 -10.08 -8.96
C3 IPA D . 12.77 -8.61 -9.26
O2 IPA D . 11.85 -10.76 -8.82
#